data_6CKA
#
_entry.id   6CKA
#
_cell.length_a   26.689
_cell.length_b   56.816
_cell.length_c   88.372
_cell.angle_alpha   90.00
_cell.angle_beta   90.00
_cell.angle_gamma   90.00
#
_symmetry.space_group_name_H-M   'P 2 21 21'
#
loop_
_entity.id
_entity.type
_entity.pdbx_description
1 polymer Paratox
2 water water
#
_entity_poly.entity_id   1
_entity_poly.type   'polypeptide(L)'
_entity_poly.pdbx_seq_one_letter_code
;(MSE)LYIDEFKEAIDKGYILGDTVAIVRKNGKIFDYVLPHEKVRDDEVVTVERVEEV(MSE)VELDKLEHHHHHH
;
_entity_poly.pdbx_strand_id   A,B
#
# COMPACT_ATOMS: atom_id res chain seq x y z
N LEU A 2 7.98 1.38 -15.96
CA LEU A 2 8.06 2.56 -15.12
C LEU A 2 9.53 2.90 -14.83
N TYR A 3 9.85 4.19 -14.84
CA TYR A 3 11.21 4.64 -14.49
C TYR A 3 11.18 5.47 -13.20
N ILE A 4 12.38 5.60 -12.62
CA ILE A 4 12.51 6.17 -11.29
C ILE A 4 12.07 7.63 -11.26
N ASP A 5 12.33 8.39 -12.31
CA ASP A 5 11.98 9.81 -12.27
C ASP A 5 10.50 10.02 -12.06
N GLU A 6 9.67 9.27 -12.78
CA GLU A 6 8.23 9.45 -12.62
C GLU A 6 7.78 9.02 -11.24
N PHE A 7 8.32 7.92 -10.76
CA PHE A 7 7.93 7.43 -9.45
C PHE A 7 8.28 8.44 -8.36
N LYS A 8 9.52 8.95 -8.38
CA LYS A 8 9.94 9.93 -7.38
C LYS A 8 9.07 11.17 -7.45
N GLU A 9 8.68 11.59 -8.66
CA GLU A 9 7.87 12.79 -8.78
C GLU A 9 6.47 12.56 -8.21
N ALA A 10 5.92 11.37 -8.41
CA ALA A 10 4.59 11.05 -7.85
C ALA A 10 4.60 11.04 -6.33
N ILE A 11 5.72 10.64 -5.72
CA ILE A 11 5.90 10.77 -4.28
C ILE A 11 6.01 12.24 -3.89
N ASP A 12 6.87 13.00 -4.59
CA ASP A 12 7.11 14.39 -4.21
CA ASP A 12 7.11 14.39 -4.21
C ASP A 12 5.83 15.21 -4.31
N LYS A 13 4.99 14.94 -5.31
CA LYS A 13 3.79 15.75 -5.52
C LYS A 13 2.58 15.18 -4.76
N GLY A 14 2.78 14.16 -3.95
CA GLY A 14 1.75 13.70 -3.05
C GLY A 14 0.73 12.77 -3.65
N TYR A 15 1.03 12.14 -4.79
CA TYR A 15 0.10 11.14 -5.32
C TYR A 15 0.26 9.80 -4.61
N ILE A 16 1.51 9.44 -4.32
CA ILE A 16 1.90 8.23 -3.62
C ILE A 16 2.23 8.66 -2.20
N LEU A 17 1.29 8.46 -1.29
CA LEU A 17 1.43 8.85 0.10
C LEU A 17 1.81 7.61 0.89
N GLY A 18 2.73 7.74 1.81
CA GLY A 18 2.96 6.61 2.69
C GLY A 18 4.03 5.64 2.21
N ASP A 19 4.18 4.58 3.01
CA ASP A 19 5.32 3.69 2.90
C ASP A 19 5.11 2.50 1.97
N THR A 20 3.86 2.20 1.61
CA THR A 20 3.60 1.12 0.66
C THR A 20 2.68 1.67 -0.43
N VAL A 21 2.68 0.98 -1.57
CA VAL A 21 2.02 1.42 -2.79
C VAL A 21 1.61 0.20 -3.60
N ALA A 22 0.49 0.30 -4.32
CA ALA A 22 0.09 -0.74 -5.26
C ALA A 22 0.85 -0.63 -6.57
N ILE A 23 1.30 -1.78 -7.07
CA ILE A 23 2.17 -1.90 -8.23
C ILE A 23 1.62 -2.97 -9.17
N VAL A 24 1.80 -2.78 -10.47
N VAL A 24 1.83 -2.78 -10.47
CA VAL A 24 1.59 -3.85 -11.45
CA VAL A 24 1.62 -3.83 -11.44
C VAL A 24 2.94 -4.25 -12.05
C VAL A 24 2.97 -4.24 -12.03
N ARG A 25 3.21 -5.55 -12.05
CA ARG A 25 4.41 -6.13 -12.65
C ARG A 25 4.04 -6.97 -13.87
N LYS A 26 4.94 -6.98 -14.85
CA LYS A 26 4.87 -7.86 -16.01
C LYS A 26 6.23 -8.52 -16.13
N ASN A 27 6.26 -9.86 -16.15
CA ASN A 27 7.52 -10.59 -16.25
C ASN A 27 8.49 -10.16 -15.13
N GLY A 28 7.93 -9.93 -13.93
CA GLY A 28 8.72 -9.54 -12.79
C GLY A 28 9.13 -8.08 -12.74
N LYS A 29 8.99 -7.35 -13.85
CA LYS A 29 9.39 -5.94 -13.91
C LYS A 29 8.21 -5.02 -13.64
N ILE A 30 8.49 -3.87 -13.02
CA ILE A 30 7.43 -2.93 -12.67
C ILE A 30 7.01 -2.13 -13.90
N PHE A 31 5.72 -2.18 -14.23
CA PHE A 31 5.21 -1.46 -15.37
C PHE A 31 4.41 -0.22 -15.02
N ASP A 32 3.88 -0.12 -13.81
CA ASP A 32 3.20 1.10 -13.39
C ASP A 32 2.98 1.01 -11.89
N TYR A 33 2.71 2.15 -11.28
CA TYR A 33 2.06 2.19 -9.99
C TYR A 33 0.57 2.37 -10.22
N VAL A 34 -0.21 1.98 -9.23
CA VAL A 34 -1.67 2.05 -9.27
C VAL A 34 -2.11 2.80 -8.03
N LEU A 35 -2.88 3.90 -8.24
CA LEU A 35 -3.28 4.71 -7.12
C LEU A 35 -4.62 4.22 -6.59
N PRO A 36 -4.96 4.57 -5.36
CA PRO A 36 -6.27 4.21 -4.82
C PRO A 36 -7.39 4.58 -5.78
N HIS A 37 -8.30 3.62 -5.99
CA HIS A 37 -9.52 3.72 -6.80
C HIS A 37 -9.24 3.56 -8.29
N GLU A 38 -7.99 3.47 -8.74
CA GLU A 38 -7.75 3.21 -10.15
C GLU A 38 -8.03 1.75 -10.48
N LYS A 39 -8.44 1.51 -11.71
CA LYS A 39 -8.91 0.18 -12.11
C LYS A 39 -7.83 -0.54 -12.89
N VAL A 40 -7.87 -1.88 -12.82
CA VAL A 40 -6.98 -2.77 -13.53
C VAL A 40 -7.78 -3.86 -14.22
N ARG A 41 -7.19 -4.39 -15.27
CA ARG A 41 -7.76 -5.48 -16.05
C ARG A 41 -7.40 -6.82 -15.41
N ASP A 42 -8.13 -7.87 -15.82
CA ASP A 42 -8.01 -9.19 -15.20
C ASP A 42 -6.59 -9.77 -15.32
N ASP A 43 -5.89 -9.50 -16.43
CA ASP A 43 -4.58 -10.09 -16.60
C ASP A 43 -3.48 -9.31 -15.90
N GLU A 44 -3.83 -8.24 -15.19
CA GLU A 44 -2.88 -7.48 -14.42
C GLU A 44 -2.77 -8.08 -13.03
N VAL A 45 -1.56 -8.21 -12.55
CA VAL A 45 -1.33 -8.67 -11.18
C VAL A 45 -0.91 -7.46 -10.36
N VAL A 46 -1.74 -7.10 -9.39
CA VAL A 46 -1.50 -5.96 -8.53
C VAL A 46 -1.02 -6.46 -7.20
N THR A 47 0.15 -5.98 -6.74
CA THR A 47 0.68 -6.28 -5.42
C THR A 47 0.90 -4.98 -4.66
N VAL A 48 0.87 -5.06 -3.35
CA VAL A 48 1.31 -3.94 -2.51
C VAL A 48 2.81 -4.12 -2.29
N GLU A 49 3.57 -3.03 -2.40
CA GLU A 49 5.03 -3.05 -2.28
C GLU A 49 5.53 -1.91 -1.40
N ARG A 50 6.68 -2.12 -0.76
CA ARG A 50 7.38 -1.03 -0.08
C ARG A 50 7.88 -0.02 -1.10
N VAL A 51 7.66 1.28 -0.83
CA VAL A 51 8.13 2.33 -1.73
C VAL A 51 9.64 2.26 -1.88
N GLU A 52 10.36 1.94 -0.81
CA GLU A 52 11.82 1.83 -0.91
C GLU A 52 12.24 0.65 -1.80
N GLU A 53 11.47 -0.45 -1.75
CA GLU A 53 11.83 -1.60 -2.59
C GLU A 53 11.61 -1.28 -4.06
N VAL A 54 10.50 -0.60 -4.36
CA VAL A 54 10.26 -0.16 -5.73
C VAL A 54 11.42 0.70 -6.23
N VAL A 56 14.53 0.61 -5.47
CA VAL A 56 15.68 -0.22 -5.80
C VAL A 56 15.47 -0.93 -7.14
N GLU A 57 14.27 -1.45 -7.37
CA GLU A 57 13.98 -2.16 -8.62
C GLU A 57 14.06 -1.21 -9.80
N LEU A 58 13.55 0.00 -9.65
CA LEU A 58 13.63 0.96 -10.76
C LEU A 58 15.07 1.37 -11.04
N ASP A 59 15.97 1.32 -10.04
CA ASP A 59 17.37 1.63 -10.29
C ASP A 59 18.03 0.68 -11.28
N LYS A 60 17.48 -0.53 -11.44
CA LYS A 60 18.05 -1.49 -12.39
C LYS A 60 17.94 -0.98 -13.82
N LEU A 61 17.08 -0.01 -14.09
CA LEU A 61 16.94 0.53 -15.44
C LEU A 61 17.73 1.82 -15.64
N GLU A 62 18.38 2.33 -14.61
CA GLU A 62 19.16 3.56 -14.75
C GLU A 62 20.58 3.30 -15.25
N HIS A 63 21.18 4.35 -15.79
CA HIS A 63 22.55 4.27 -16.24
C HIS A 63 23.47 4.50 -15.05
N HIS A 64 24.48 3.63 -14.91
CA HIS A 64 25.47 3.77 -13.86
C HIS A 64 26.89 3.96 -14.37
N HIS A 65 27.11 3.97 -15.69
CA HIS A 65 28.45 4.13 -16.22
C HIS A 65 29.10 5.37 -15.60
N HIS A 66 30.33 5.20 -15.14
CA HIS A 66 31.00 6.22 -14.35
C HIS A 66 32.45 6.41 -14.80
N HIS A 67 32.84 5.88 -15.94
CA HIS A 67 34.13 6.19 -16.53
C HIS A 67 33.95 7.21 -17.64
N HIS A 68 34.98 7.99 -17.86
CA HIS A 68 34.98 9.00 -18.90
C HIS A 68 36.41 9.35 -19.32
N LEU B 2 -11.80 -6.86 9.80
CA LEU B 2 -10.62 -6.55 10.59
C LEU B 2 -11.05 -5.87 11.89
N TYR B 3 -10.53 -6.37 13.01
CA TYR B 3 -10.82 -5.77 14.30
C TYR B 3 -9.53 -5.28 14.93
N ILE B 4 -9.69 -4.47 15.99
CA ILE B 4 -8.55 -3.77 16.57
C ILE B 4 -7.53 -4.74 17.18
N ASP B 5 -7.97 -5.85 17.77
CA ASP B 5 -6.99 -6.76 18.37
C ASP B 5 -5.98 -7.24 17.34
N GLU B 6 -6.47 -7.67 16.17
CA GLU B 6 -5.56 -8.16 15.13
C GLU B 6 -4.66 -7.06 14.59
N PHE B 7 -5.24 -5.87 14.37
CA PHE B 7 -4.49 -4.77 13.81
C PHE B 7 -3.35 -4.35 14.75
N LYS B 8 -3.68 -4.19 16.03
CA LYS B 8 -2.69 -3.83 17.04
C LYS B 8 -1.56 -4.85 17.07
N GLU B 9 -1.91 -6.13 17.00
CA GLU B 9 -0.90 -7.18 17.02
C GLU B 9 0.04 -7.07 15.82
N ALA B 10 -0.51 -6.81 14.64
CA ALA B 10 0.31 -6.74 13.44
C ALA B 10 1.29 -5.58 13.50
N ILE B 11 0.88 -4.49 14.15
CA ILE B 11 1.80 -3.38 14.40
C ILE B 11 2.84 -3.78 15.43
N ASP B 12 2.39 -4.28 16.57
CA ASP B 12 3.31 -4.54 17.68
C ASP B 12 4.36 -5.58 17.31
N LYS B 13 4.02 -6.56 16.44
CA LYS B 13 4.98 -7.58 16.04
C LYS B 13 5.79 -7.16 14.81
N GLY B 14 5.58 -5.95 14.30
CA GLY B 14 6.42 -5.39 13.25
C GLY B 14 6.04 -5.78 11.84
N TYR B 15 4.84 -6.32 11.63
CA TYR B 15 4.43 -6.70 10.28
C TYR B 15 3.96 -5.49 9.50
N ILE B 16 3.28 -4.56 10.17
CA ILE B 16 2.83 -3.32 9.57
C ILE B 16 3.86 -2.29 9.97
N LEU B 17 4.75 -1.95 9.03
CA LEU B 17 5.85 -1.03 9.30
C LEU B 17 5.54 0.34 8.70
N GLY B 18 5.68 1.37 9.51
CA GLY B 18 5.53 2.73 9.06
C GLY B 18 4.21 3.35 9.50
N ASP B 19 4.01 4.57 9.01
CA ASP B 19 2.95 5.44 9.49
C ASP B 19 1.66 5.25 8.72
N THR B 20 1.69 4.56 7.58
CA THR B 20 0.51 4.26 6.80
C THR B 20 0.46 2.78 6.50
N VAL B 21 -0.70 2.34 6.02
CA VAL B 21 -0.92 0.93 5.71
C VAL B 21 -1.95 0.89 4.58
N ALA B 22 -1.81 -0.10 3.70
CA ALA B 22 -2.79 -0.36 2.67
C ALA B 22 -4.00 -1.10 3.26
N ILE B 23 -5.19 -0.60 2.94
CA ILE B 23 -6.45 -1.04 3.54
C ILE B 23 -7.42 -1.36 2.41
N VAL B 24 -8.17 -2.44 2.57
CA VAL B 24 -9.30 -2.75 1.70
C VAL B 24 -10.57 -2.47 2.49
N ARG B 25 -11.42 -1.61 1.97
CA ARG B 25 -12.77 -1.41 2.49
C ARG B 25 -13.80 -2.09 1.59
N LYS B 26 -14.82 -2.62 2.23
CA LYS B 26 -16.00 -3.15 1.55
C LYS B 26 -17.22 -2.54 2.19
N ASN B 27 -18.06 -1.90 1.39
CA ASN B 27 -19.25 -1.23 1.93
C ASN B 27 -18.85 -0.21 2.99
N GLY B 28 -17.76 0.51 2.73
CA GLY B 28 -17.30 1.54 3.63
C GLY B 28 -16.58 1.06 4.87
N LYS B 29 -16.68 -0.23 5.22
CA LYS B 29 -16.04 -0.75 6.43
C LYS B 29 -14.71 -1.43 6.11
N ILE B 30 -13.82 -1.43 7.09
CA ILE B 30 -12.47 -1.96 6.92
C ILE B 30 -12.52 -3.48 6.90
N PHE B 31 -12.13 -4.07 5.79
CA PHE B 31 -12.19 -5.50 5.55
C PHE B 31 -10.85 -6.20 5.86
N ASP B 32 -9.73 -5.60 5.46
CA ASP B 32 -8.42 -6.20 5.67
C ASP B 32 -7.35 -5.15 5.47
N TYR B 33 -6.16 -5.45 5.95
CA TYR B 33 -4.96 -4.74 5.56
C TYR B 33 -4.21 -5.62 4.55
N VAL B 34 -3.34 -4.97 3.75
CA VAL B 34 -2.57 -5.66 2.71
C VAL B 34 -1.10 -5.30 2.89
N LEU B 35 -0.25 -6.32 3.09
CA LEU B 35 1.17 -6.15 3.37
C LEU B 35 2.00 -6.21 2.10
N PRO B 36 3.21 -5.66 2.14
CA PRO B 36 4.14 -5.80 1.02
C PRO B 36 4.24 -7.24 0.54
N HIS B 37 4.21 -7.37 -0.79
CA HIS B 37 4.29 -8.56 -1.61
C HIS B 37 2.96 -9.28 -1.71
N GLU B 38 1.95 -8.89 -0.92
CA GLU B 38 0.67 -9.56 -1.02
C GLU B 38 -0.11 -9.07 -2.22
N LYS B 39 -0.87 -9.98 -2.82
CA LYS B 39 -1.69 -9.67 -3.99
C LYS B 39 -3.02 -9.05 -3.60
N VAL B 40 -3.39 -8.01 -4.32
CA VAL B 40 -4.73 -7.43 -4.23
C VAL B 40 -5.70 -8.31 -5.00
N ARG B 41 -6.88 -8.57 -4.43
CA ARG B 41 -7.83 -9.44 -5.10
C ARG B 41 -8.73 -8.67 -6.08
N ASP B 42 -9.44 -9.41 -6.92
CA ASP B 42 -10.27 -8.79 -7.95
C ASP B 42 -11.25 -7.77 -7.34
N ASP B 43 -11.31 -6.59 -7.96
CA ASP B 43 -12.29 -5.56 -7.65
C ASP B 43 -12.11 -4.95 -6.27
N GLU B 44 -11.00 -5.23 -5.59
CA GLU B 44 -10.75 -4.60 -4.32
C GLU B 44 -10.26 -3.18 -4.52
N VAL B 45 -10.77 -2.28 -3.69
CA VAL B 45 -10.35 -0.89 -3.65
C VAL B 45 -9.37 -0.77 -2.49
N VAL B 46 -8.13 -0.41 -2.82
CA VAL B 46 -7.04 -0.33 -1.83
C VAL B 46 -6.73 1.14 -1.59
N THR B 47 -6.89 1.56 -0.34
CA THR B 47 -6.57 2.93 0.06
C THR B 47 -5.34 2.87 0.95
N VAL B 48 -4.58 3.94 0.95
CA VAL B 48 -3.46 4.06 1.85
C VAL B 48 -3.90 4.97 2.97
N GLU B 49 -3.83 4.49 4.19
CA GLU B 49 -4.40 5.18 5.33
C GLU B 49 -3.39 5.27 6.48
N ARG B 50 -3.48 6.35 7.25
CA ARG B 50 -2.64 6.50 8.43
C ARG B 50 -3.02 5.47 9.50
N VAL B 51 -2.00 4.78 10.04
CA VAL B 51 -2.22 3.73 11.02
C VAL B 51 -2.97 4.26 12.23
N GLU B 52 -2.67 5.48 12.67
CA GLU B 52 -3.35 6.01 13.84
C GLU B 52 -4.81 6.29 13.57
N GLU B 53 -5.16 6.60 12.33
CA GLU B 53 -6.56 6.85 11.98
C GLU B 53 -7.33 5.54 11.84
N VAL B 54 -6.68 4.51 11.30
CA VAL B 54 -7.32 3.19 11.27
C VAL B 54 -7.63 2.73 12.68
N VAL B 56 -8.26 4.47 15.35
CA VAL B 56 -9.41 5.19 15.88
C VAL B 56 -10.70 4.62 15.34
N GLU B 57 -10.72 4.32 14.03
CA GLU B 57 -11.94 3.77 13.42
C GLU B 57 -12.26 2.38 13.95
N LEU B 58 -11.25 1.52 14.11
CA LEU B 58 -11.51 0.18 14.64
C LEU B 58 -11.93 0.21 16.10
N ASP B 59 -11.48 1.22 16.84
CA ASP B 59 -11.88 1.35 18.25
C ASP B 59 -13.39 1.61 18.39
N LYS B 60 -14.03 2.14 17.35
CA LYS B 60 -15.47 2.36 17.41
C LYS B 60 -16.26 1.07 17.48
N LEU B 61 -15.64 -0.05 17.14
CA LEU B 61 -16.27 -1.36 17.23
C LEU B 61 -16.08 -1.99 18.61
N GLU B 62 -15.38 -1.30 19.51
CA GLU B 62 -15.14 -1.78 20.88
C GLU B 62 -16.27 -1.30 21.82
N HIS B 63 -16.30 -1.87 23.00
CA HIS B 63 -17.32 -1.51 23.99
C HIS B 63 -16.97 -0.19 24.66
N HIS B 64 -17.91 0.76 24.63
CA HIS B 64 -17.74 2.05 25.28
C HIS B 64 -18.88 2.43 26.18
N HIS B 65 -20.01 1.72 26.10
CA HIS B 65 -21.12 1.93 27.01
C HIS B 65 -20.62 1.94 28.45
N HIS B 66 -21.10 2.90 29.24
CA HIS B 66 -20.51 3.20 30.54
C HIS B 66 -21.57 3.57 31.56
N HIS B 67 -22.75 3.01 31.43
CA HIS B 67 -23.74 2.96 32.49
C HIS B 67 -24.00 1.50 32.82
N HIS B 68 -24.40 1.25 34.05
CA HIS B 68 -24.66 -0.10 34.50
C HIS B 68 -25.63 -0.11 35.67
#